data_7ZZX
#
_entry.id   7ZZX
#
_cell.length_a   146.300
_cell.length_b   146.300
_cell.length_c   31.514
_cell.angle_alpha   90.000
_cell.angle_beta   90.000
_cell.angle_gamma   120.000
#
_symmetry.space_group_name_H-M   'P 31 2 1'
#
loop_
_entity.id
_entity.type
_entity.pdbx_description
1 polymer 'Dihydrofolate reductase'
2 water water
#
_entity_poly.entity_id   1
_entity_poly.type   'polypeptide(L)'
_entity_poly.pdbx_seq_one_letter_code
;MSTRPKISLIVAALQPSMGIGAKGSLPWRLKNEMKYFKDVTSKAKDGHINAVVMGRKTWELIPERFRPLAGRLNVILSRK
NDDLIDSNGVYHFSSFDSVMKHLEKDSFRFKDMPLDKIFIIGGSQIYNLLILDSRVDNLLVTQVHFVGEDADKPQMDTFL
DWDLSKWKRLEHDKLEQYVGLDVPRGLNEEGSYNYEYTMWEKAQ
;
_entity_poly.pdbx_strand_id   B
#
# COMPACT_ATOMS: atom_id res chain seq x y z
N THR A 3 8.68 9.14 -13.18
CA THR A 3 8.12 9.07 -11.83
C THR A 3 9.17 9.48 -10.78
N ARG A 4 9.41 10.79 -10.65
CA ARG A 4 10.37 11.26 -9.67
C ARG A 4 10.10 10.76 -8.24
N PRO A 5 8.86 10.62 -7.77
CA PRO A 5 8.64 9.91 -6.51
C PRO A 5 8.82 8.41 -6.67
N LYS A 6 9.26 7.78 -5.58
CA LYS A 6 9.25 6.33 -5.51
C LYS A 6 7.82 5.82 -5.42
N ILE A 7 7.52 4.75 -6.17
CA ILE A 7 6.22 4.07 -6.12
C ILE A 7 6.39 2.78 -5.32
N SER A 8 5.62 2.66 -4.25
CA SER A 8 5.54 1.44 -3.45
C SER A 8 4.16 0.83 -3.54
N LEU A 9 4.12 -0.48 -3.54
CA LEU A 9 2.89 -1.25 -3.46
C LEU A 9 2.93 -1.92 -2.10
N ILE A 10 2.07 -1.49 -1.18
CA ILE A 10 2.08 -1.95 0.20
C ILE A 10 0.90 -2.89 0.41
N VAL A 11 1.18 -4.10 0.88
CA VAL A 11 0.22 -5.21 0.89
C VAL A 11 0.57 -6.19 2.01
N ALA A 12 -0.47 -6.80 2.59
CA ALA A 12 -0.32 -7.88 3.57
C ALA A 12 -0.75 -9.20 2.91
N ALA A 13 0.21 -10.09 2.70
CA ALA A 13 -0.02 -11.40 2.11
C ALA A 13 0.10 -12.49 3.16
N LEU A 14 -0.52 -13.64 2.90
CA LEU A 14 -0.58 -14.73 3.87
C LEU A 14 0.25 -15.91 3.36
N GLN A 15 1.21 -16.34 4.18
CA GLN A 15 2.15 -17.38 3.83
C GLN A 15 1.52 -18.77 3.89
N PRO A 16 1.96 -19.69 3.02
CA PRO A 16 2.84 -19.35 1.90
C PRO A 16 2.05 -19.11 0.61
N SER A 17 0.72 -19.09 0.75
CA SER A 17 -0.18 -19.05 -0.41
C SER A 17 -0.34 -17.63 -0.97
N MET A 18 -0.30 -16.59 -0.11
CA MET A 18 -0.50 -15.14 -0.32
C MET A 18 -1.94 -14.67 -0.55
N GLY A 19 -2.89 -15.08 0.30
CA GLY A 19 -4.24 -14.53 0.21
C GLY A 19 -4.25 -13.04 0.50
N ILE A 20 -4.81 -12.27 -0.43
CA ILE A 20 -4.93 -10.82 -0.25
C ILE A 20 -6.24 -10.47 0.44
N GLY A 21 -7.28 -11.28 0.27
CA GLY A 21 -8.53 -11.07 0.97
C GLY A 21 -9.39 -12.31 0.89
N ALA A 22 -10.29 -12.43 1.86
CA ALA A 22 -11.28 -13.51 1.88
C ALA A 22 -12.63 -12.88 1.54
N LYS A 23 -12.98 -12.93 0.24
CA LYS A 23 -14.09 -12.20 -0.38
C LYS A 23 -13.83 -10.69 -0.39
N GLY A 24 -13.46 -10.12 0.76
CA GLY A 24 -13.23 -8.69 0.85
C GLY A 24 -13.57 -8.16 2.22
N SER A 25 -12.67 -8.37 3.17
CA SER A 25 -12.87 -7.94 4.55
C SER A 25 -11.52 -7.89 5.26
N LEU A 26 -10.62 -8.79 4.85
CA LEU A 26 -9.36 -9.15 5.51
C LEU A 26 -9.64 -9.85 6.83
N PRO A 27 -9.36 -11.16 6.90
CA PRO A 27 -9.73 -11.92 8.10
C PRO A 27 -8.79 -11.69 9.28
N TRP A 28 -8.29 -10.47 9.43
CA TRP A 28 -7.41 -10.15 10.57
C TRP A 28 -7.49 -8.66 10.87
N ARG A 29 -7.54 -8.35 12.16
CA ARG A 29 -7.29 -7.00 12.69
C ARG A 29 -5.92 -7.08 13.35
N LEU A 30 -4.90 -6.59 12.66
CA LEU A 30 -3.55 -6.61 13.19
C LEU A 30 -3.28 -5.19 13.69
N LYS A 31 -3.34 -5.01 15.01
CA LYS A 31 -3.30 -3.67 15.60
C LYS A 31 -2.00 -2.96 15.23
N ASN A 32 -0.86 -3.64 15.37
CA ASN A 32 0.41 -2.99 15.08
C ASN A 32 0.66 -2.85 13.58
N GLU A 33 0.00 -3.65 12.74
CA GLU A 33 0.04 -3.43 11.29
C GLU A 33 -0.58 -2.08 10.92
N MET A 34 -1.75 -1.76 11.49
CA MET A 34 -2.40 -0.49 11.18
C MET A 34 -1.50 0.69 11.51
N LYS A 35 -0.80 0.63 12.64
CA LYS A 35 0.11 1.69 13.04
C LYS A 35 1.33 1.77 12.10
N TYR A 36 1.90 0.61 11.74
CA TYR A 36 2.94 0.59 10.72
C TYR A 36 2.47 1.30 9.46
N PHE A 37 1.28 0.94 8.98
CA PHE A 37 0.74 1.55 7.76
C PHE A 37 0.62 3.07 7.89
N LYS A 38 0.13 3.56 9.04
CA LYS A 38 0.00 5.00 9.24
C LYS A 38 1.36 5.68 9.26
N ASP A 39 2.31 5.12 10.01
CA ASP A 39 3.64 5.72 10.10
C ASP A 39 4.32 5.73 8.74
N VAL A 40 4.22 4.63 7.99
CA VAL A 40 4.91 4.53 6.72
C VAL A 40 4.35 5.54 5.73
N THR A 41 3.03 5.58 5.58
CA THR A 41 2.47 6.41 4.52
C THR A 41 2.54 7.89 4.87
N SER A 42 2.65 8.26 6.14
CA SER A 42 2.71 9.67 6.51
C SER A 42 4.12 10.23 6.49
N LYS A 43 5.13 9.38 6.66
CA LYS A 43 6.51 9.81 6.85
C LYS A 43 7.11 10.29 5.54
N ALA A 44 7.36 11.60 5.45
CA ALA A 44 7.99 12.21 4.30
C ALA A 44 9.04 13.20 4.80
N LYS A 45 9.91 13.63 3.88
CA LYS A 45 10.87 14.67 4.21
C LYS A 45 10.16 15.95 4.64
N ASP A 46 10.93 16.84 5.23
CA ASP A 46 10.43 18.18 5.58
C ASP A 46 9.96 18.89 4.33
N GLY A 47 8.73 19.38 4.36
CA GLY A 47 8.18 20.12 3.24
C GLY A 47 7.64 19.27 2.11
N HIS A 48 7.80 17.95 2.16
CA HIS A 48 7.32 16.98 1.16
C HIS A 48 6.09 16.29 1.70
N ILE A 49 5.43 15.52 0.84
CA ILE A 49 4.23 14.80 1.25
C ILE A 49 4.18 13.51 0.45
N ASN A 50 3.47 12.52 0.98
CA ASN A 50 3.28 11.26 0.30
C ASN A 50 1.87 11.19 -0.26
N ALA A 51 1.69 10.30 -1.25
CA ALA A 51 0.38 9.98 -1.77
C ALA A 51 -0.04 8.59 -1.31
N VAL A 52 -1.34 8.41 -1.18
CA VAL A 52 -1.95 7.11 -0.91
C VAL A 52 -2.96 6.86 -2.02
N VAL A 53 -2.84 5.72 -2.72
CA VAL A 53 -3.63 5.41 -3.89
C VAL A 53 -4.43 4.12 -3.64
N MET A 54 -5.75 4.17 -3.86
CA MET A 54 -6.58 3.05 -3.47
C MET A 54 -7.82 2.96 -4.35
N GLY A 55 -8.45 1.79 -4.35
CA GLY A 55 -9.66 1.59 -5.12
C GLY A 55 -10.90 2.10 -4.41
N ARG A 56 -11.97 2.31 -5.19
CA ARG A 56 -13.21 2.86 -4.64
C ARG A 56 -13.64 2.05 -3.41
N LYS A 57 -13.56 0.72 -3.51
CA LYS A 57 -14.06 -0.11 -2.41
C LYS A 57 -13.21 0.04 -1.15
N THR A 58 -11.89 0.17 -1.28
CA THR A 58 -11.09 0.44 -0.10
C THR A 58 -11.45 1.79 0.51
N TRP A 59 -11.74 2.79 -0.33
CA TRP A 59 -12.13 4.09 0.20
C TRP A 59 -13.39 3.98 1.04
N GLU A 60 -14.38 3.24 0.57
CA GLU A 60 -15.62 3.11 1.31
C GLU A 60 -15.48 2.33 2.60
N LEU A 61 -14.46 1.49 2.70
CA LEU A 61 -14.23 0.73 3.92
C LEU A 61 -13.66 1.60 5.04
N ILE A 62 -13.07 2.74 4.71
CA ILE A 62 -12.54 3.63 5.73
C ILE A 62 -13.74 4.38 6.31
N PRO A 63 -13.85 4.49 7.63
CA PRO A 63 -14.99 5.21 8.21
C PRO A 63 -14.81 6.71 8.06
N GLU A 64 -15.94 7.39 7.87
CA GLU A 64 -15.96 8.83 7.72
C GLU A 64 -15.03 9.55 8.70
N ARG A 65 -14.97 9.07 9.95
CA ARG A 65 -14.05 9.57 10.97
C ARG A 65 -12.67 9.84 10.37
N PHE A 66 -12.07 8.81 9.80
CA PHE A 66 -10.66 8.79 9.39
C PHE A 66 -10.44 9.19 7.93
N ARG A 67 -11.45 9.69 7.22
CA ARG A 67 -11.09 10.02 5.86
C ARG A 67 -11.48 11.45 5.50
N PRO A 68 -10.71 12.12 4.60
CA PRO A 68 -9.52 11.56 3.90
C PRO A 68 -8.33 11.19 4.82
N LEU A 69 -7.53 10.20 4.45
CA LEU A 69 -6.39 9.85 5.28
C LEU A 69 -5.55 11.09 5.51
N ALA A 70 -5.41 11.48 6.78
CA ALA A 70 -4.84 12.80 7.08
C ALA A 70 -3.35 12.83 6.78
N GLY A 71 -2.89 14.02 6.36
CA GLY A 71 -1.49 14.25 6.06
C GLY A 71 -0.98 13.64 4.78
N ARG A 72 -1.86 13.09 3.95
CA ARG A 72 -1.45 12.44 2.72
C ARG A 72 -2.31 12.93 1.57
N LEU A 73 -1.72 12.99 0.38
CA LEU A 73 -2.50 13.09 -0.85
C LEU A 73 -3.30 11.80 -1.03
N ASN A 74 -4.63 11.91 -1.01
CA ASN A 74 -5.55 10.79 -1.14
C ASN A 74 -5.96 10.64 -2.61
N VAL A 75 -5.71 9.48 -3.22
CA VAL A 75 -6.08 9.25 -4.61
C VAL A 75 -6.99 8.03 -4.64
N ILE A 76 -8.19 8.19 -5.22
CA ILE A 76 -9.15 7.11 -5.36
C ILE A 76 -9.27 6.73 -6.84
N LEU A 77 -9.11 5.45 -7.13
CA LEU A 77 -9.20 4.96 -8.49
C LEU A 77 -10.51 4.20 -8.67
N SER A 78 -11.25 4.57 -9.69
CA SER A 78 -12.39 3.80 -10.13
C SER A 78 -12.45 3.91 -11.65
N ARG A 79 -12.94 2.86 -12.29
CA ARG A 79 -12.88 2.72 -13.75
C ARG A 79 -13.48 3.94 -14.44
N LYS A 80 -14.64 4.39 -13.99
CA LYS A 80 -15.34 5.45 -14.67
C LYS A 80 -15.31 6.78 -13.90
N ASN A 81 -14.37 6.96 -12.96
CA ASN A 81 -14.15 8.29 -12.44
C ASN A 81 -13.83 9.25 -13.59
N ASP A 82 -14.03 10.54 -13.35
CA ASP A 82 -13.84 11.54 -14.40
C ASP A 82 -12.56 12.36 -14.24
N ASP A 83 -11.62 11.89 -13.42
CA ASP A 83 -10.34 12.58 -13.21
C ASP A 83 -10.58 14.01 -12.68
N LEU A 84 -11.26 14.07 -11.56
CA LEU A 84 -11.61 15.32 -10.91
C LEU A 84 -10.94 15.42 -9.55
N ILE A 85 -10.68 16.66 -9.13
CA ILE A 85 -10.08 16.96 -7.83
C ILE A 85 -11.09 17.77 -7.03
N ASP A 86 -11.48 17.26 -5.85
CA ASP A 86 -12.46 17.99 -5.08
C ASP A 86 -11.77 19.03 -4.19
N SER A 87 -12.57 19.89 -3.58
CA SER A 87 -12.04 21.04 -2.86
C SER A 87 -11.15 20.63 -1.70
N ASN A 88 -11.29 19.41 -1.20
CA ASN A 88 -10.44 18.92 -0.14
C ASN A 88 -9.14 18.35 -0.65
N GLY A 89 -8.92 18.39 -1.95
CA GLY A 89 -7.68 17.87 -2.49
C GLY A 89 -7.66 16.39 -2.77
N VAL A 90 -8.80 15.69 -2.65
CA VAL A 90 -8.85 14.26 -2.95
C VAL A 90 -8.98 14.07 -4.46
N TYR A 91 -8.15 13.19 -5.01
CA TYR A 91 -8.11 12.94 -6.45
C TYR A 91 -9.04 11.79 -6.81
N HIS A 92 -9.96 12.02 -7.73
CA HIS A 92 -10.93 11.00 -8.11
C HIS A 92 -10.65 10.57 -9.54
N PHE A 93 -9.76 9.60 -9.71
CA PHE A 93 -9.23 9.30 -11.04
C PHE A 93 -9.63 7.92 -11.55
N SER A 94 -9.51 7.75 -12.87
CA SER A 94 -9.95 6.53 -13.53
C SER A 94 -8.85 5.49 -13.67
N SER A 95 -7.59 5.88 -13.61
CA SER A 95 -6.53 4.89 -13.67
C SER A 95 -5.28 5.47 -13.03
N PHE A 96 -4.38 4.56 -12.64
CA PHE A 96 -3.10 5.00 -12.07
C PHE A 96 -2.31 5.80 -13.08
N ASP A 97 -2.34 5.39 -14.34
CA ASP A 97 -1.61 6.13 -15.35
C ASP A 97 -2.16 7.55 -15.51
N SER A 98 -3.48 7.68 -15.51
CA SER A 98 -4.10 9.01 -15.52
C SER A 98 -3.58 9.89 -14.39
N VAL A 99 -3.46 9.35 -13.17
CA VAL A 99 -3.03 10.23 -12.08
C VAL A 99 -1.54 10.54 -12.18
N MET A 100 -0.71 9.58 -12.60
CA MET A 100 0.71 9.87 -12.80
C MET A 100 0.92 10.98 -13.84
N LYS A 101 0.16 10.93 -14.93
CA LYS A 101 0.22 11.98 -15.94
C LYS A 101 -0.06 13.34 -15.33
N HIS A 102 -1.19 13.46 -14.62
CA HIS A 102 -1.58 14.75 -14.04
C HIS A 102 -0.56 15.26 -13.02
N LEU A 103 -0.03 14.37 -12.17
CA LEU A 103 1.00 14.78 -11.21
C LEU A 103 2.26 15.24 -11.91
N GLU A 104 2.64 14.52 -12.97
CA GLU A 104 3.82 14.87 -13.73
C GLU A 104 3.72 16.27 -14.34
N LYS A 105 2.52 16.68 -14.74
CA LYS A 105 2.39 18.00 -15.32
C LYS A 105 2.61 19.10 -14.29
N ASP A 106 2.43 18.79 -13.01
CA ASP A 106 2.69 19.75 -11.94
C ASP A 106 4.02 19.47 -11.22
N SER A 107 4.92 18.72 -11.85
CA SER A 107 6.24 18.44 -11.30
C SER A 107 6.16 17.62 -10.01
N PHE A 108 5.13 16.77 -9.92
CA PHE A 108 4.95 15.89 -8.78
C PHE A 108 4.81 16.69 -7.49
N ARG A 109 3.93 17.67 -7.55
CA ARG A 109 3.71 18.54 -6.41
C ARG A 109 2.23 18.52 -6.08
N PHE A 110 1.94 18.63 -4.80
CA PHE A 110 0.58 18.61 -4.31
C PHE A 110 0.48 19.74 -3.31
N LYS A 111 -0.41 20.70 -3.58
CA LYS A 111 -0.47 21.95 -2.79
C LYS A 111 0.92 22.54 -2.61
N ASP A 112 1.64 22.66 -3.73
CA ASP A 112 2.99 23.22 -3.81
C ASP A 112 3.99 22.46 -2.94
N MET A 113 3.67 21.23 -2.53
CA MET A 113 4.66 20.41 -1.82
C MET A 113 5.15 19.27 -2.71
N PRO A 114 6.46 19.04 -2.78
CA PRO A 114 6.96 17.88 -3.54
C PRO A 114 6.40 16.58 -2.98
N LEU A 115 6.00 15.70 -3.90
CA LEU A 115 5.68 14.34 -3.51
C LEU A 115 6.99 13.59 -3.26
N ASP A 116 6.98 12.77 -2.22
CA ASP A 116 8.12 11.98 -1.82
C ASP A 116 7.96 10.52 -2.23
N LYS A 117 6.93 9.85 -1.74
CA LYS A 117 6.67 8.45 -2.05
C LYS A 117 5.18 8.30 -2.33
N ILE A 118 4.85 7.45 -3.31
CA ILE A 118 3.47 7.10 -3.63
C ILE A 118 3.24 5.65 -3.21
N PHE A 119 2.21 5.42 -2.40
CA PHE A 119 1.87 4.09 -1.91
C PHE A 119 0.58 3.62 -2.55
N ILE A 120 0.64 2.50 -3.27
CA ILE A 120 -0.57 1.81 -3.72
C ILE A 120 -1.06 0.90 -2.61
N ILE A 121 -2.24 1.17 -2.08
CA ILE A 121 -2.75 0.46 -0.91
C ILE A 121 -4.00 -0.33 -1.22
N GLY A 122 -4.36 -0.45 -2.50
CA GLY A 122 -5.76 -0.40 -2.90
C GLY A 122 -6.48 -1.72 -2.93
N GLY A 123 -5.82 -2.80 -2.53
CA GLY A 123 -6.47 -4.08 -2.38
C GLY A 123 -6.87 -4.72 -3.71
N SER A 124 -7.48 -5.89 -3.58
CA SER A 124 -8.37 -6.49 -4.56
C SER A 124 -7.94 -6.26 -6.01
N GLN A 125 -8.92 -5.88 -6.83
CA GLN A 125 -8.81 -4.97 -7.97
C GLN A 125 -7.38 -4.58 -8.39
N ILE A 126 -6.84 -3.58 -7.73
CA ILE A 126 -5.77 -2.80 -8.29
C ILE A 126 -4.39 -3.27 -7.87
N TYR A 127 -4.29 -4.06 -6.80
CA TYR A 127 -3.04 -4.76 -6.50
C TYR A 127 -2.60 -5.59 -7.69
N ASN A 128 -3.53 -6.39 -8.21
CA ASN A 128 -3.17 -7.29 -9.28
C ASN A 128 -3.14 -6.56 -10.62
N LEU A 129 -3.99 -5.53 -10.81
CA LEU A 129 -3.85 -4.63 -11.98
C LEU A 129 -2.50 -3.91 -12.03
N LEU A 130 -1.82 -3.72 -10.89
CA LEU A 130 -0.71 -2.77 -10.87
C LEU A 130 0.66 -3.36 -10.54
N ILE A 131 0.73 -4.54 -9.92
CA ILE A 131 1.98 -5.27 -9.74
C ILE A 131 2.75 -5.34 -11.05
N LEU A 132 2.02 -5.49 -12.17
CA LEU A 132 2.61 -5.67 -13.49
C LEU A 132 3.21 -4.40 -14.03
N ASP A 133 2.82 -3.24 -13.53
CA ASP A 133 3.36 -1.98 -14.03
C ASP A 133 4.85 -1.88 -13.68
N SER A 134 5.69 -1.56 -14.66
CA SER A 134 7.11 -1.42 -14.37
C SER A 134 7.46 -0.12 -13.62
N ARG A 135 6.55 0.86 -13.56
CA ARG A 135 6.87 2.06 -12.78
C ARG A 135 6.97 1.77 -11.28
N VAL A 136 6.48 0.62 -10.84
CA VAL A 136 6.51 0.26 -9.42
C VAL A 136 7.95 -0.04 -9.03
N ASP A 137 8.46 0.70 -8.05
CA ASP A 137 9.84 0.57 -7.62
C ASP A 137 10.02 -0.51 -6.56
N ASN A 138 9.03 -0.74 -5.71
CA ASN A 138 9.23 -1.74 -4.67
C ASN A 138 7.89 -2.21 -4.13
N LEU A 139 7.95 -3.36 -3.47
CA LEU A 139 6.84 -3.92 -2.73
C LEU A 139 7.15 -3.84 -1.24
N LEU A 140 6.17 -3.40 -0.46
CA LEU A 140 6.24 -3.39 0.99
C LEU A 140 5.24 -4.47 1.44
N VAL A 141 5.75 -5.66 1.75
CA VAL A 141 4.91 -6.83 1.99
C VAL A 141 4.94 -7.15 3.48
N THR A 142 3.77 -7.15 4.10
CA THR A 142 3.60 -7.70 5.45
C THR A 142 3.31 -9.18 5.28
N GLN A 143 4.33 -10.00 5.53
CA GLN A 143 4.19 -11.44 5.39
C GLN A 143 3.49 -11.98 6.63
N VAL A 144 2.36 -12.63 6.43
CA VAL A 144 1.50 -13.04 7.53
C VAL A 144 1.53 -14.56 7.62
N HIS A 145 1.58 -15.07 8.87
CA HIS A 145 1.57 -16.49 9.16
C HIS A 145 0.42 -16.78 10.12
N PHE A 146 -0.39 -17.79 9.81
CA PHE A 146 -1.48 -18.18 10.68
C PHE A 146 -1.04 -19.26 11.66
N VAL A 147 -1.23 -19.01 12.96
CA VAL A 147 -0.79 -19.90 14.02
C VAL A 147 -1.92 -20.21 14.99
N GLY A 148 -3.15 -20.29 14.49
CA GLY A 148 -4.32 -20.35 15.36
C GLY A 148 -4.79 -21.73 15.79
N GLU A 149 -5.97 -22.13 15.35
CA GLU A 149 -6.57 -23.38 15.84
C GLU A 149 -7.37 -24.06 14.72
N ASP A 150 -6.77 -24.14 13.52
CA ASP A 150 -7.35 -24.88 12.40
C ASP A 150 -8.70 -24.31 11.96
N ALA A 151 -9.71 -24.43 12.82
CA ALA A 151 -11.05 -23.90 12.50
C ALA A 151 -11.05 -22.38 12.38
N ASP A 152 -9.99 -21.72 12.86
CA ASP A 152 -9.82 -20.29 12.68
C ASP A 152 -9.09 -19.94 11.38
N LYS A 153 -8.59 -20.94 10.64
CA LYS A 153 -7.72 -20.67 9.50
C LYS A 153 -8.49 -19.94 8.41
N PRO A 154 -7.93 -18.89 7.82
CA PRO A 154 -8.67 -18.14 6.79
C PRO A 154 -8.72 -18.91 5.47
N GLN A 155 -9.92 -19.04 4.93
CA GLN A 155 -10.12 -19.49 3.55
C GLN A 155 -9.92 -18.26 2.68
N MET A 156 -8.68 -18.06 2.24
CA MET A 156 -8.36 -16.90 1.43
C MET A 156 -8.91 -17.08 0.01
N ASP A 157 -9.49 -16.01 -0.51
CA ASP A 157 -10.16 -16.04 -1.80
C ASP A 157 -9.35 -15.45 -2.93
N THR A 158 -8.62 -14.38 -2.67
CA THR A 158 -7.94 -13.65 -3.73
C THR A 158 -6.46 -13.68 -3.43
N PHE A 159 -5.65 -13.90 -4.47
CA PHE A 159 -4.22 -14.13 -4.31
C PHE A 159 -3.42 -13.10 -5.07
N LEU A 160 -2.40 -12.57 -4.39
CA LEU A 160 -1.46 -11.62 -4.98
C LEU A 160 -0.79 -12.24 -6.20
N ASP A 161 -1.13 -11.75 -7.39
CA ASP A 161 -0.56 -12.26 -8.64
C ASP A 161 0.94 -11.94 -8.73
N TRP A 162 1.67 -12.19 -7.65
CA TRP A 162 3.12 -12.17 -7.69
C TRP A 162 3.82 -13.34 -8.33
N ASP A 163 4.93 -12.98 -8.98
CA ASP A 163 5.86 -13.85 -9.64
C ASP A 163 7.17 -13.84 -8.85
N LEU A 164 7.50 -14.99 -8.24
CA LEU A 164 8.69 -15.09 -7.40
C LEU A 164 9.92 -14.62 -8.15
N SER A 165 9.90 -14.71 -9.47
CA SER A 165 11.12 -14.44 -10.22
C SER A 165 11.47 -12.97 -10.28
N LYS A 166 10.54 -12.07 -10.00
CA LYS A 166 10.74 -10.68 -10.32
C LYS A 166 11.29 -9.83 -9.16
N TRP A 167 11.26 -10.33 -7.94
CA TRP A 167 11.57 -9.46 -6.80
C TRP A 167 12.64 -10.07 -5.92
N LYS A 168 13.51 -9.24 -5.36
CA LYS A 168 14.46 -9.71 -4.35
C LYS A 168 14.18 -8.96 -3.07
N ARG A 169 14.15 -9.71 -1.96
CA ARG A 169 13.97 -9.14 -0.64
C ARG A 169 15.18 -8.29 -0.23
N LEU A 170 14.92 -7.14 0.38
CA LEU A 170 15.98 -6.22 0.79
C LEU A 170 16.32 -6.39 2.28
N GLU A 171 17.52 -5.98 2.63
CA GLU A 171 17.89 -6.04 4.05
C GLU A 171 17.08 -5.02 4.84
N HIS A 172 16.90 -5.32 6.12
CA HIS A 172 16.04 -4.50 6.96
C HIS A 172 16.48 -3.06 7.00
N ASP A 173 17.80 -2.81 7.00
CA ASP A 173 18.29 -1.44 7.02
C ASP A 173 17.74 -0.66 5.84
N LYS A 174 17.64 -1.31 4.69
CA LYS A 174 17.13 -0.62 3.50
C LYS A 174 15.65 -0.29 3.64
N LEU A 175 14.87 -1.20 4.24
CA LEU A 175 13.48 -0.89 4.55
C LEU A 175 13.39 0.34 5.45
N GLU A 176 14.21 0.38 6.51
CA GLU A 176 14.13 1.49 7.45
C GLU A 176 14.59 2.80 6.81
N GLN A 177 15.71 2.78 6.08
CA GLN A 177 16.07 3.96 5.30
C GLN A 177 14.91 4.45 4.45
N TYR A 178 14.26 3.53 3.74
CA TYR A 178 13.29 3.96 2.74
C TYR A 178 12.06 4.56 3.41
N VAL A 179 11.48 3.85 4.37
CA VAL A 179 10.30 4.39 5.02
C VAL A 179 10.62 5.49 6.03
N GLY A 180 11.88 5.63 6.43
CA GLY A 180 12.31 6.72 7.31
C GLY A 180 11.91 6.59 8.78
N LEU A 181 11.97 5.37 9.31
CA LEU A 181 11.54 5.13 10.68
C LEU A 181 12.07 3.77 11.11
N ASP A 182 12.36 3.62 12.40
CA ASP A 182 12.77 2.31 12.88
C ASP A 182 11.60 1.35 12.80
N VAL A 183 11.87 0.12 12.43
CA VAL A 183 10.78 -0.82 12.24
C VAL A 183 11.05 -2.03 13.12
N PRO A 184 10.07 -2.51 13.87
CA PRO A 184 10.25 -3.77 14.61
C PRO A 184 10.67 -4.86 13.64
N ARG A 185 11.73 -5.56 13.98
CA ARG A 185 12.23 -6.58 13.08
C ARG A 185 11.95 -7.97 13.63
N GLY A 186 11.99 -8.94 12.73
CA GLY A 186 11.53 -10.26 13.06
C GLY A 186 10.02 -10.35 13.07
N LEU A 187 9.54 -11.47 13.60
CA LEU A 187 8.13 -11.79 13.58
C LEU A 187 7.38 -11.05 14.69
N ASN A 188 6.11 -10.77 14.42
CA ASN A 188 5.23 -10.07 15.34
C ASN A 188 4.01 -10.95 15.57
N GLU A 189 3.82 -11.39 16.80
CA GLU A 189 2.75 -12.30 17.16
C GLU A 189 1.60 -11.49 17.77
N GLU A 190 0.41 -11.67 17.19
CA GLU A 190 -0.79 -10.94 17.60
C GLU A 190 -1.95 -11.93 17.55
N GLY A 191 -2.29 -12.49 18.71
CA GLY A 191 -3.31 -13.50 18.77
C GLY A 191 -3.02 -14.67 17.85
N SER A 192 -3.82 -14.82 16.81
CA SER A 192 -3.74 -15.98 15.95
C SER A 192 -2.84 -15.76 14.73
N TYR A 193 -1.91 -14.81 14.80
CA TYR A 193 -1.18 -14.40 13.61
C TYR A 193 0.26 -14.04 13.96
N ASN A 194 1.15 -14.36 13.04
CA ASN A 194 2.53 -13.91 13.05
C ASN A 194 2.79 -13.16 11.75
N TYR A 195 3.44 -12.01 11.85
CA TYR A 195 3.71 -11.24 10.65
C TYR A 195 4.97 -10.41 10.79
N GLU A 196 5.64 -10.18 9.65
CA GLU A 196 6.86 -9.37 9.62
C GLU A 196 6.83 -8.45 8.41
N TYR A 197 7.48 -7.30 8.56
CA TYR A 197 7.51 -6.27 7.54
C TYR A 197 8.71 -6.49 6.65
N THR A 198 8.48 -6.45 5.34
CA THR A 198 9.53 -6.73 4.37
C THR A 198 9.44 -5.74 3.23
N MET A 199 10.56 -5.58 2.52
CA MET A 199 10.65 -4.71 1.36
C MET A 199 11.32 -5.47 0.23
N TRP A 200 10.77 -5.34 -0.99
CA TRP A 200 11.30 -6.02 -2.15
C TRP A 200 11.51 -5.00 -3.27
N GLU A 201 12.59 -5.12 -3.99
CA GLU A 201 12.80 -4.32 -5.18
C GLU A 201 13.04 -5.26 -6.36
N LYS A 202 13.16 -4.71 -7.56
CA LYS A 202 13.11 -5.53 -8.75
C LYS A 202 14.51 -5.92 -9.23
N ALA A 203 14.55 -7.01 -9.99
CA ALA A 203 15.54 -7.41 -10.99
C ALA A 203 16.98 -7.23 -10.50
N GLN A 204 17.90 -7.01 -11.44
CA GLN A 204 19.34 -6.92 -11.15
C GLN A 204 19.69 -5.65 -10.39
#